data_7AZ7
#
_entry.id   7AZ7
#
_cell.length_a   108.180
_cell.length_b   67.620
_cell.length_c   81.520
_cell.angle_alpha   90.000
_cell.angle_beta   128.090
_cell.angle_gamma   90.000
#
_symmetry.space_group_name_H-M   'C 1 2 1'
#
loop_
_entity.id
_entity.type
_entity.pdbx_description
1 polymer 'Beta sliding clamp'
2 polymer 'Peptide 37'
3 non-polymer 'FORMIC ACID'
4 non-polymer 'PENTAETHYLENE GLYCOL'
5 water water
#
loop_
_entity_poly.entity_id
_entity_poly.type
_entity_poly.pdbx_seq_one_letter_code
_entity_poly.pdbx_strand_id
1 'polypeptide(L)'
;MGSSHHHHHHSSGLVPRGSHMKFTVEREHLLKPLQQVSGPLGGRPTLPILGNLLLQVADGTLSLTGTDLEMEMVARVALV
QPHEPGATTVPARKFFDICRGLPEGAEIAVQLEGERMLVRSGRSRFSLSTLPAADFPNLDDWQSEVEFTLPQATMKRLIE
ATQFSMAHQDVRYYLNGMLFETEGEELRTVATDGHRLAVCSMPIGQSLPSHSVIVPRKGVIELMRMLDGGDNPLRVQIGS
NNIRAHVGDFIFTSKLVDGRFPDYRRVLPKNPDKHLEAGCDLLKQAFARAAILSNEKFRGVRLYVSENQLKITANNPEQE
EAEEILDVTYSGAEMEIGFNVSYVLDVLNALKCENVRMMLTDSVSSVQIEDAASQSAAYVVMPMRL
;
A
2 'polypeptide(D)' (SJ2)Q(ALC)(SOQ)L(ZCL) H
#
# COMPACT_ATOMS: atom_id res chain seq x y z
N SER A 19 4.06 -38.02 11.80
CA SER A 19 4.33 -37.64 10.43
C SER A 19 5.81 -37.32 10.17
N HIS A 20 6.26 -37.60 8.96
CA HIS A 20 7.64 -37.46 8.55
C HIS A 20 7.73 -36.59 7.31
N MET A 21 7.45 -35.28 7.46
CA MET A 21 7.45 -34.35 6.34
C MET A 21 8.67 -34.45 5.48
N LYS A 22 8.49 -34.54 4.16
CA LYS A 22 9.60 -34.65 3.23
C LYS A 22 9.12 -34.21 1.86
N PHE A 23 9.93 -33.38 1.17
CA PHE A 23 9.62 -32.93 -0.18
C PHE A 23 10.89 -32.57 -0.94
N THR A 24 10.84 -32.64 -2.28
CA THR A 24 11.94 -32.20 -3.14
C THR A 24 11.34 -31.28 -4.18
N VAL A 25 11.87 -30.03 -4.30
CA VAL A 25 11.33 -29.00 -5.21
CA VAL A 25 11.36 -29.03 -5.26
C VAL A 25 12.50 -28.27 -5.89
N GLU A 26 12.29 -27.83 -7.12
CA GLU A 26 13.25 -27.04 -7.88
C GLU A 26 13.32 -25.68 -7.23
N ARG A 27 14.56 -25.17 -7.05
CA ARG A 27 14.83 -23.86 -6.45
C ARG A 27 13.96 -22.78 -7.09
N GLU A 28 13.84 -22.80 -8.44
CA GLU A 28 13.06 -21.79 -9.18
C GLU A 28 11.55 -21.81 -8.84
N HIS A 29 11.02 -22.95 -8.34
CA HIS A 29 9.61 -22.99 -7.94
C HIS A 29 9.42 -22.59 -6.48
N LEU A 30 10.51 -22.44 -5.74
CA LEU A 30 10.43 -22.13 -4.32
C LEU A 30 10.78 -20.69 -3.95
N LEU A 31 11.68 -20.05 -4.70
CA LEU A 31 12.17 -18.71 -4.42
C LEU A 31 11.10 -17.60 -4.32
N LYS A 32 10.33 -17.32 -5.39
CA LYS A 32 9.28 -16.28 -5.34
C LYS A 32 8.24 -16.57 -4.24
N PRO A 33 7.71 -17.81 -4.05
CA PRO A 33 6.80 -18.03 -2.92
C PRO A 33 7.39 -17.68 -1.54
N LEU A 34 8.67 -18.06 -1.29
CA LEU A 34 9.36 -17.78 -0.03
C LEU A 34 9.47 -16.29 0.23
N GLN A 35 9.86 -15.54 -0.80
CA GLN A 35 9.97 -14.08 -0.68
C GLN A 35 8.59 -13.47 -0.38
N GLN A 36 7.55 -13.93 -1.11
CA GLN A 36 6.19 -13.44 -0.92
C GLN A 36 5.63 -13.70 0.50
N VAL A 37 5.76 -14.92 1.01
CA VAL A 37 5.16 -15.23 2.32
C VAL A 37 5.93 -14.63 3.51
N SER A 38 7.15 -14.17 3.28
CA SER A 38 7.95 -13.55 4.33
C SER A 38 7.58 -12.05 4.52
N GLY A 39 6.74 -11.52 3.62
CA GLY A 39 6.26 -10.15 3.67
C GLY A 39 5.74 -9.67 5.02
N PRO A 40 4.68 -10.31 5.61
CA PRO A 40 4.16 -9.84 6.92
C PRO A 40 5.15 -9.85 8.10
N LEU A 41 6.33 -10.45 7.91
CA LEU A 41 7.37 -10.62 8.94
C LEU A 41 8.32 -9.41 9.07
N GLY A 42 8.98 -9.31 10.23
CA GLY A 42 9.93 -8.22 10.49
C GLY A 42 10.41 -8.15 11.92
N PRO A 45 11.02 -10.26 16.20
CA PRO A 45 9.80 -10.91 16.69
C PRO A 45 9.59 -10.85 18.20
N THR A 46 8.30 -10.89 18.61
CA THR A 46 7.75 -10.87 19.97
C THR A 46 7.56 -12.36 20.40
N LEU A 47 6.56 -13.02 19.80
CA LEU A 47 6.32 -14.45 19.97
C LEU A 47 7.32 -15.13 18.99
N PRO A 48 8.25 -16.01 19.46
CA PRO A 48 9.27 -16.57 18.56
C PRO A 48 8.80 -17.18 17.24
N ILE A 49 7.68 -17.89 17.25
CA ILE A 49 7.16 -18.56 16.06
C ILE A 49 6.76 -17.57 14.97
N LEU A 50 6.55 -16.28 15.34
CA LEU A 50 6.20 -15.28 14.31
C LEU A 50 7.32 -15.00 13.32
N GLY A 51 8.55 -15.33 13.70
CA GLY A 51 9.70 -15.21 12.82
C GLY A 51 9.88 -16.42 11.91
N ASN A 52 9.00 -17.42 12.04
CA ASN A 52 9.05 -18.65 11.25
C ASN A 52 7.99 -18.71 10.18
N LEU A 53 8.23 -19.52 9.13
CA LEU A 53 7.23 -19.81 8.10
C LEU A 53 6.67 -21.20 8.39
N LEU A 54 5.38 -21.40 8.19
CA LEU A 54 4.72 -22.68 8.37
C LEU A 54 4.83 -23.42 7.02
N LEU A 55 5.34 -24.67 7.03
CA LEU A 55 5.45 -25.47 5.84
C LEU A 55 4.51 -26.64 6.06
N GLN A 56 3.66 -26.95 5.08
CA GLN A 56 2.73 -28.06 5.19
C GLN A 56 2.76 -28.83 3.90
N VAL A 57 2.89 -30.15 3.98
CA VAL A 57 2.89 -30.99 2.81
C VAL A 57 1.66 -31.88 2.94
N ALA A 58 0.82 -31.86 1.89
CA ALA A 58 -0.39 -32.68 1.84
C ALA A 58 -0.91 -32.71 0.40
N ASP A 59 -1.16 -33.93 -0.12
CA ASP A 59 -1.76 -34.25 -1.42
C ASP A 59 -1.22 -33.43 -2.60
N GLY A 60 0.05 -33.61 -2.89
CA GLY A 60 0.69 -32.92 -4.00
C GLY A 60 0.89 -31.43 -3.83
N THR A 61 0.69 -30.89 -2.61
CA THR A 61 0.90 -29.45 -2.41
C THR A 61 1.78 -29.17 -1.20
N LEU A 62 2.71 -28.22 -1.36
CA LEU A 62 3.48 -27.66 -0.26
C LEU A 62 2.85 -26.28 -0.03
N SER A 63 2.40 -26.01 1.19
CA SER A 63 1.87 -24.70 1.55
C SER A 63 2.91 -24.03 2.45
N LEU A 64 3.15 -22.72 2.20
CA LEU A 64 4.09 -21.89 2.95
C LEU A 64 3.31 -20.71 3.49
N THR A 65 3.33 -20.48 4.82
CA THR A 65 2.57 -19.38 5.41
C THR A 65 3.44 -18.51 6.29
N GLY A 66 3.25 -17.20 6.16
CA GLY A 66 3.87 -16.20 7.00
C GLY A 66 2.77 -15.39 7.64
N THR A 67 2.94 -15.00 8.92
CA THR A 67 1.92 -14.19 9.61
C THR A 67 2.51 -13.22 10.61
N ASP A 68 1.77 -12.14 10.91
CA ASP A 68 2.15 -11.20 11.97
C ASP A 68 0.95 -11.07 12.96
N LEU A 69 -0.03 -12.01 12.85
CA LEU A 69 -1.29 -12.10 13.62
C LEU A 69 -2.42 -11.24 13.06
N GLU A 70 -2.11 -10.08 12.46
CA GLU A 70 -3.14 -9.21 11.90
C GLU A 70 -3.44 -9.66 10.45
N MET A 71 -2.44 -10.28 9.80
CA MET A 71 -2.53 -10.73 8.41
CA MET A 71 -2.56 -10.78 8.42
C MET A 71 -1.70 -11.99 8.14
N GLU A 72 -2.00 -12.71 7.05
CA GLU A 72 -1.27 -13.89 6.68
C GLU A 72 -1.11 -13.96 5.15
N MET A 73 0.01 -14.48 4.69
CA MET A 73 0.29 -14.67 3.27
C MET A 73 0.58 -16.16 3.11
N VAL A 74 -0.17 -16.85 2.22
CA VAL A 74 -0.03 -18.29 2.02
C VAL A 74 0.31 -18.52 0.54
N ALA A 75 1.30 -19.37 0.25
CA ALA A 75 1.69 -19.72 -1.12
C ALA A 75 1.54 -21.23 -1.29
N ARG A 76 1.07 -21.66 -2.45
CA ARG A 76 0.90 -23.08 -2.73
C ARG A 76 1.82 -23.45 -3.87
N VAL A 77 2.61 -24.49 -3.66
CA VAL A 77 3.59 -24.97 -4.62
C VAL A 77 3.20 -26.43 -4.89
N ALA A 78 2.99 -26.77 -6.17
CA ALA A 78 2.63 -28.13 -6.58
C ALA A 78 3.86 -29.00 -6.39
N LEU A 79 3.70 -30.18 -5.78
CA LEU A 79 4.78 -31.13 -5.53
C LEU A 79 4.69 -32.24 -6.57
N VAL A 80 5.54 -32.17 -7.60
CA VAL A 80 5.52 -33.14 -8.70
C VAL A 80 6.38 -34.38 -8.40
N GLN A 81 7.31 -34.25 -7.46
CA GLN A 81 8.23 -35.32 -7.07
C GLN A 81 7.70 -36.02 -5.86
N PRO A 82 8.12 -37.27 -5.56
CA PRO A 82 7.60 -37.94 -4.35
C PRO A 82 7.77 -37.12 -3.08
N HIS A 83 6.79 -37.23 -2.17
CA HIS A 83 6.80 -36.44 -0.93
C HIS A 83 6.06 -37.17 0.13
N GLU A 84 6.29 -36.79 1.38
CA GLU A 84 5.61 -37.40 2.52
C GLU A 84 4.98 -36.27 3.29
N PRO A 85 3.69 -36.45 3.68
CA PRO A 85 2.97 -35.35 4.33
C PRO A 85 3.44 -35.04 5.74
N GLY A 86 3.18 -33.81 6.15
CA GLY A 86 3.53 -33.34 7.49
C GLY A 86 3.66 -31.85 7.51
N ALA A 87 4.04 -31.31 8.68
CA ALA A 87 4.17 -29.88 8.87
C ALA A 87 5.22 -29.52 9.92
N THR A 88 5.83 -28.34 9.74
CA THR A 88 6.78 -27.82 10.71
C THR A 88 6.88 -26.34 10.44
N THR A 89 7.61 -25.63 11.29
CA THR A 89 7.87 -24.20 11.07
C THR A 89 9.36 -24.02 11.12
N VAL A 90 9.94 -23.13 10.28
CA VAL A 90 11.37 -22.89 10.24
C VAL A 90 11.65 -21.40 10.22
N PRO A 91 12.84 -20.93 10.68
CA PRO A 91 13.16 -19.48 10.58
C PRO A 91 13.05 -19.00 9.14
N ALA A 92 12.19 -17.98 8.89
CA ALA A 92 11.90 -17.48 7.55
C ALA A 92 13.13 -16.97 6.80
N ARG A 93 13.84 -16.05 7.43
CA ARG A 93 15.01 -15.40 6.80
C ARG A 93 16.11 -16.40 6.49
N LYS A 94 16.41 -17.28 7.45
CA LYS A 94 17.44 -18.30 7.20
C LYS A 94 17.07 -19.24 6.06
N PHE A 95 15.82 -19.73 6.05
CA PHE A 95 15.39 -20.64 5.00
C PHE A 95 15.41 -19.98 3.60
N PHE A 96 14.89 -18.75 3.50
CA PHE A 96 14.93 -18.02 2.25
C PHE A 96 16.39 -17.79 1.83
N ASP A 97 17.25 -17.31 2.73
CA ASP A 97 18.65 -17.05 2.36
C ASP A 97 19.40 -18.27 1.86
N ILE A 98 19.09 -19.45 2.42
CA ILE A 98 19.70 -20.72 2.01
C ILE A 98 19.28 -21.03 0.58
N CYS A 99 17.98 -21.01 0.33
CA CYS A 99 17.40 -21.29 -0.98
C CYS A 99 17.88 -20.30 -2.02
N ARG A 100 17.83 -18.99 -1.71
CA ARG A 100 18.33 -17.96 -2.63
C ARG A 100 19.84 -18.15 -2.89
N GLY A 101 20.60 -18.52 -1.85
CA GLY A 101 22.05 -18.73 -1.96
C GLY A 101 22.48 -19.87 -2.85
N LEU A 102 21.60 -20.89 -3.04
CA LEU A 102 21.91 -22.06 -3.86
C LEU A 102 22.02 -21.71 -5.36
N PRO A 103 22.71 -22.52 -6.18
CA PRO A 103 22.87 -22.14 -7.60
C PRO A 103 21.61 -22.26 -8.42
N GLU A 104 21.52 -21.50 -9.53
CA GLU A 104 20.36 -21.58 -10.44
C GLU A 104 20.18 -23.04 -10.85
N GLY A 105 18.93 -23.47 -10.89
CA GLY A 105 18.60 -24.83 -11.29
C GLY A 105 18.70 -25.89 -10.22
N ALA A 106 19.14 -25.52 -9.00
CA ALA A 106 19.31 -26.44 -7.87
C ALA A 106 18.03 -27.17 -7.51
N GLU A 107 18.16 -28.43 -7.11
CA GLU A 107 17.05 -29.22 -6.64
CA GLU A 107 17.03 -29.21 -6.63
C GLU A 107 17.16 -29.14 -5.10
N ILE A 108 16.07 -28.73 -4.40
CA ILE A 108 16.13 -28.58 -2.95
C ILE A 108 15.35 -29.70 -2.26
N ALA A 109 16.07 -30.64 -1.55
CA ALA A 109 15.48 -31.75 -0.82
C ALA A 109 15.31 -31.35 0.66
N VAL A 110 14.07 -31.35 1.15
CA VAL A 110 13.74 -30.94 2.53
C VAL A 110 13.13 -32.09 3.29
N GLN A 111 13.53 -32.24 4.58
CA GLN A 111 13.07 -33.35 5.37
C GLN A 111 13.13 -32.98 6.84
N LEU A 112 12.11 -33.33 7.62
CA LEU A 112 12.15 -33.16 9.05
C LEU A 112 12.98 -34.37 9.62
N GLU A 113 13.87 -34.11 10.59
CA GLU A 113 14.68 -35.15 11.23
C GLU A 113 14.62 -34.84 12.70
N GLY A 114 13.73 -35.52 13.41
CA GLY A 114 13.50 -35.22 14.83
C GLY A 114 12.93 -33.81 14.94
N GLU A 115 13.58 -32.93 15.72
CA GLU A 115 13.14 -31.53 15.85
C GLU A 115 13.92 -30.58 14.93
N ARG A 116 14.63 -31.11 13.91
CA ARG A 116 15.40 -30.27 12.98
C ARG A 116 14.83 -30.42 11.60
N MET A 117 14.99 -29.38 10.77
CA MET A 117 14.55 -29.51 9.39
C MET A 117 15.82 -29.48 8.58
N LEU A 118 16.01 -30.49 7.76
CA LEU A 118 17.17 -30.57 6.90
C LEU A 118 16.84 -30.08 5.53
N VAL A 119 17.78 -29.31 4.97
CA VAL A 119 17.69 -28.77 3.61
C VAL A 119 18.99 -29.26 2.90
N ARG A 120 18.84 -29.93 1.75
CA ARG A 120 19.96 -30.50 1.05
C ARG A 120 19.88 -30.22 -0.41
N SER A 121 21.05 -29.99 -1.06
CA SER A 121 21.14 -29.69 -2.50
C SER A 121 22.61 -29.87 -2.83
N GLY A 122 22.91 -30.69 -3.84
CA GLY A 122 24.30 -30.95 -4.22
C GLY A 122 25.02 -31.52 -3.01
N ARG A 123 26.14 -30.89 -2.60
CA ARG A 123 26.83 -31.32 -1.38
C ARG A 123 26.77 -30.20 -0.31
N SER A 124 25.61 -29.51 -0.27
CA SER A 124 25.32 -28.46 0.70
C SER A 124 24.28 -29.04 1.63
N ARG A 125 24.47 -28.93 2.95
CA ARG A 125 23.54 -29.52 3.92
C ARG A 125 23.31 -28.49 5.00
N PHE A 126 22.04 -28.22 5.32
CA PHE A 126 21.71 -27.25 6.35
C PHE A 126 20.73 -27.86 7.32
N SER A 127 20.97 -27.68 8.61
CA SER A 127 20.09 -28.21 9.63
C SER A 127 19.58 -27.05 10.46
N LEU A 128 18.28 -26.78 10.30
CA LEU A 128 17.54 -25.65 10.90
C LEU A 128 16.72 -26.04 12.11
N SER A 129 16.67 -25.14 13.09
CA SER A 129 15.85 -25.34 14.30
C SER A 129 14.39 -25.21 13.84
N THR A 130 13.43 -25.78 14.59
CA THR A 130 12.01 -25.72 14.21
C THR A 130 11.20 -25.34 15.44
N LEU A 131 9.94 -24.96 15.22
CA LEU A 131 8.95 -24.75 16.28
C LEU A 131 7.70 -25.52 15.83
N PRO A 132 6.89 -26.09 16.75
CA PRO A 132 5.78 -26.94 16.30
C PRO A 132 4.70 -26.23 15.50
N ALA A 133 4.28 -26.87 14.40
CA ALA A 133 3.22 -26.38 13.52
C ALA A 133 1.94 -26.13 14.36
N ALA A 134 1.65 -27.00 15.37
CA ALA A 134 0.51 -26.85 16.28
C ALA A 134 0.47 -25.46 16.95
N ASP A 135 1.65 -24.82 17.14
CA ASP A 135 1.78 -23.51 17.74
C ASP A 135 1.60 -22.37 16.78
N PHE A 136 1.58 -22.68 15.47
CA PHE A 136 1.48 -21.64 14.45
C PHE A 136 0.09 -21.02 14.42
N PRO A 137 0.00 -19.67 14.48
CA PRO A 137 -1.32 -19.02 14.51
C PRO A 137 -2.12 -19.26 13.25
N ASN A 138 -3.42 -19.32 13.38
CA ASN A 138 -4.30 -19.52 12.23
C ASN A 138 -5.50 -18.61 12.40
N LEU A 139 -5.70 -17.68 11.46
CA LEU A 139 -6.83 -16.77 11.49
C LEU A 139 -8.12 -17.59 11.45
N ASP A 140 -9.13 -17.16 12.22
CA ASP A 140 -10.45 -17.79 12.31
C ASP A 140 -11.14 -17.78 10.94
N ASP A 141 -11.97 -18.80 10.68
CA ASP A 141 -12.74 -18.91 9.44
C ASP A 141 -13.79 -17.79 9.38
N TRP A 142 -14.21 -17.43 8.16
CA TRP A 142 -15.20 -16.36 7.93
C TRP A 142 -15.81 -16.53 6.55
N GLN A 143 -16.95 -15.88 6.35
CA GLN A 143 -17.67 -15.96 5.08
C GLN A 143 -17.59 -14.67 4.31
N SER A 144 -17.41 -14.80 2.99
CA SER A 144 -17.31 -13.67 2.07
C SER A 144 -18.70 -13.05 1.85
N GLU A 145 -18.77 -11.71 1.88
CA GLU A 145 -19.99 -10.92 1.65
C GLU A 145 -19.99 -10.33 0.24
N VAL A 146 -18.79 -10.02 -0.30
CA VAL A 146 -18.61 -9.48 -1.64
C VAL A 146 -17.35 -10.07 -2.28
N GLU A 147 -17.41 -10.36 -3.58
CA GLU A 147 -16.30 -10.90 -4.36
C GLU A 147 -16.26 -10.24 -5.74
N PHE A 148 -15.05 -9.90 -6.20
CA PHE A 148 -14.81 -9.31 -7.52
C PHE A 148 -13.40 -9.60 -7.96
N THR A 149 -13.19 -9.65 -9.27
CA THR A 149 -11.90 -9.89 -9.91
C THR A 149 -11.58 -8.69 -10.76
N LEU A 150 -10.35 -8.18 -10.63
CA LEU A 150 -9.91 -6.99 -11.37
C LEU A 150 -8.44 -7.11 -11.79
N PRO A 151 -7.96 -6.30 -12.76
CA PRO A 151 -6.55 -6.40 -13.13
C PRO A 151 -5.69 -5.89 -11.99
N GLN A 152 -4.49 -6.45 -11.84
CA GLN A 152 -3.53 -6.05 -10.80
C GLN A 152 -3.22 -4.56 -10.96
N ALA A 153 -3.17 -4.07 -12.22
CA ALA A 153 -2.84 -2.68 -12.54
C ALA A 153 -3.89 -1.71 -12.00
N THR A 154 -5.15 -2.16 -11.91
CA THR A 154 -6.23 -1.33 -11.37
C THR A 154 -5.99 -1.17 -9.87
N MET A 155 -5.73 -2.26 -9.16
CA MET A 155 -5.42 -2.20 -7.72
C MET A 155 -4.17 -1.35 -7.42
N LYS A 156 -3.12 -1.46 -8.26
CA LYS A 156 -1.88 -0.71 -8.08
C LYS A 156 -2.18 0.80 -8.24
N ARG A 157 -2.95 1.17 -9.28
CA ARG A 157 -3.31 2.56 -9.55
C ARG A 157 -4.07 3.11 -8.31
N LEU A 158 -5.03 2.35 -7.79
CA LEU A 158 -5.86 2.79 -6.66
C LEU A 158 -5.08 3.02 -5.37
N ILE A 159 -4.16 2.11 -5.06
CA ILE A 159 -3.34 2.22 -3.84
C ILE A 159 -2.32 3.33 -3.99
N GLU A 160 -1.60 3.38 -5.13
CA GLU A 160 -0.56 4.40 -5.32
C GLU A 160 -1.12 5.79 -5.37
N ALA A 161 -2.35 5.96 -5.87
CA ALA A 161 -2.95 7.30 -5.93
C ALA A 161 -3.27 7.82 -4.53
N THR A 162 -3.47 6.95 -3.53
CA THR A 162 -3.91 7.40 -2.21
C THR A 162 -3.03 7.07 -1.01
N GLN A 163 -2.15 6.05 -1.09
CA GLN A 163 -1.38 5.54 0.06
C GLN A 163 -0.62 6.62 0.84
N PHE A 164 0.00 7.57 0.15
CA PHE A 164 0.74 8.63 0.84
C PHE A 164 -0.07 9.45 1.86
N SER A 165 -1.41 9.53 1.69
CA SER A 165 -2.29 10.35 2.51
C SER A 165 -2.73 9.71 3.81
N MET A 166 -2.40 8.41 4.02
CA MET A 166 -2.75 7.69 5.23
C MET A 166 -2.03 8.32 6.40
N ALA A 167 -2.70 8.37 7.54
CA ALA A 167 -2.07 8.88 8.76
C ALA A 167 -0.97 7.94 9.24
N HIS A 168 -0.08 8.49 10.09
CA HIS A 168 1.01 7.75 10.71
CA HIS A 168 1.04 7.77 10.70
C HIS A 168 0.83 7.78 12.23
N GLN A 169 0.43 6.63 12.79
CA GLN A 169 0.22 6.45 14.24
C GLN A 169 -0.76 7.44 14.88
N ASP A 170 -1.82 7.81 14.15
CA ASP A 170 -2.83 8.72 14.71
C ASP A 170 -3.58 7.94 15.80
N VAL A 171 -4.08 8.65 16.84
CA VAL A 171 -4.94 8.10 17.90
C VAL A 171 -6.21 7.48 17.27
N ARG A 172 -6.75 8.15 16.26
CA ARG A 172 -7.93 7.70 15.50
C ARG A 172 -7.34 6.64 14.57
N TYR A 173 -7.19 5.43 15.12
CA TYR A 173 -6.51 4.32 14.48
C TYR A 173 -7.03 3.98 13.09
N TYR A 174 -8.32 4.26 12.79
CA TYR A 174 -8.91 3.99 11.48
C TYR A 174 -8.23 4.83 10.35
N LEU A 175 -7.63 5.98 10.72
CA LEU A 175 -6.91 6.83 9.76
C LEU A 175 -5.56 6.27 9.35
N ASN A 176 -5.05 5.28 10.11
CA ASN A 176 -3.76 4.64 9.80
C ASN A 176 -3.89 3.60 8.71
N GLY A 177 -5.11 3.39 8.27
CA GLY A 177 -5.43 2.48 7.20
C GLY A 177 -5.96 3.19 5.99
N MET A 178 -6.54 2.40 5.11
CA MET A 178 -7.07 2.84 3.83
C MET A 178 -8.46 2.32 3.63
N LEU A 179 -9.39 3.23 3.24
CA LEU A 179 -10.76 2.81 2.98
C LEU A 179 -10.85 2.22 1.58
N PHE A 180 -11.47 1.03 1.45
CA PHE A 180 -11.76 0.31 0.20
C PHE A 180 -13.28 0.28 0.08
N GLU A 181 -13.80 0.87 -0.97
CA GLU A 181 -15.23 1.03 -1.15
C GLU A 181 -15.68 0.54 -2.51
N THR A 182 -16.75 -0.26 -2.55
CA THR A 182 -17.37 -0.68 -3.79
C THR A 182 -18.64 0.15 -3.92
N GLU A 183 -18.93 0.63 -5.10
CA GLU A 183 -20.14 1.42 -5.37
C GLU A 183 -20.42 1.33 -6.86
N GLY A 184 -21.60 0.83 -7.20
CA GLY A 184 -21.99 0.63 -8.59
C GLY A 184 -21.04 -0.33 -9.28
N GLU A 185 -20.29 0.19 -10.24
CA GLU A 185 -19.33 -0.60 -11.03
C GLU A 185 -17.88 -0.16 -10.66
N GLU A 186 -17.73 0.59 -9.58
CA GLU A 186 -16.42 1.12 -9.22
C GLU A 186 -15.88 0.62 -7.91
N LEU A 187 -14.53 0.53 -7.85
CA LEU A 187 -13.81 0.25 -6.63
C LEU A 187 -13.10 1.58 -6.32
N ARG A 188 -13.11 2.00 -5.07
CA ARG A 188 -12.53 3.26 -4.67
C ARG A 188 -11.68 3.09 -3.42
N THR A 189 -10.61 3.88 -3.30
CA THR A 189 -9.77 3.90 -2.11
C THR A 189 -9.80 5.33 -1.59
N VAL A 190 -9.77 5.50 -0.27
CA VAL A 190 -9.75 6.81 0.38
C VAL A 190 -8.70 6.72 1.50
N ALA A 191 -7.88 7.77 1.65
CA ALA A 191 -6.93 7.84 2.74
C ALA A 191 -6.87 9.26 3.18
N THR A 192 -6.75 9.50 4.50
CA THR A 192 -6.68 10.83 5.04
C THR A 192 -5.99 10.80 6.38
N ASP A 193 -5.37 11.91 6.73
CA ASP A 193 -4.71 12.04 8.03
C ASP A 193 -5.35 13.22 8.82
N GLY A 194 -6.47 13.73 8.31
CA GLY A 194 -7.17 14.86 8.91
C GLY A 194 -6.68 16.23 8.42
N HIS A 195 -5.53 16.27 7.73
CA HIS A 195 -4.97 17.51 7.16
C HIS A 195 -5.10 17.48 5.65
N ARG A 196 -4.95 16.31 5.05
CA ARG A 196 -5.06 16.16 3.60
C ARG A 196 -5.73 14.86 3.31
N LEU A 197 -6.34 14.73 2.13
CA LEU A 197 -7.12 13.54 1.79
C LEU A 197 -6.90 13.23 0.33
N ALA A 198 -6.87 11.94 -0.01
CA ALA A 198 -6.76 11.42 -1.38
C ALA A 198 -7.92 10.43 -1.60
N VAL A 199 -8.52 10.46 -2.82
CA VAL A 199 -9.60 9.57 -3.18
C VAL A 199 -9.39 9.23 -4.63
N CYS A 200 -9.55 7.96 -4.98
CA CYS A 200 -9.38 7.50 -6.37
C CYS A 200 -10.42 6.43 -6.63
N SER A 201 -11.08 6.46 -7.79
CA SER A 201 -12.11 5.45 -8.12
C SER A 201 -11.79 4.93 -9.47
N MET A 202 -12.01 3.63 -9.69
CA MET A 202 -11.80 3.03 -11.00
C MET A 202 -12.94 2.11 -11.35
N PRO A 203 -13.39 2.09 -12.63
CA PRO A 203 -14.44 1.11 -13.01
C PRO A 203 -13.81 -0.28 -13.08
N ILE A 204 -14.54 -1.32 -12.66
CA ILE A 204 -14.03 -2.69 -12.67
C ILE A 204 -14.96 -3.66 -13.46
N GLY A 205 -15.83 -3.09 -14.30
CA GLY A 205 -16.72 -3.78 -15.23
C GLY A 205 -17.62 -4.88 -14.71
N GLN A 206 -18.10 -4.73 -13.46
CA GLN A 206 -19.03 -5.64 -12.80
C GLN A 206 -19.82 -4.84 -11.78
N SER A 207 -21.13 -5.13 -11.62
CA SER A 207 -22.03 -4.46 -10.67
C SER A 207 -21.77 -5.01 -9.28
N LEU A 208 -21.52 -4.13 -8.33
CA LEU A 208 -21.19 -4.53 -6.96
C LEU A 208 -22.17 -4.00 -5.93
N PRO A 209 -22.36 -4.69 -4.79
CA PRO A 209 -23.12 -4.07 -3.69
C PRO A 209 -22.26 -2.95 -3.10
N SER A 210 -22.88 -2.00 -2.39
CA SER A 210 -22.14 -0.91 -1.76
C SER A 210 -21.59 -1.41 -0.42
N HIS A 211 -20.25 -1.40 -0.30
CA HIS A 211 -19.57 -1.89 0.88
C HIS A 211 -18.38 -1.00 1.12
N SER A 212 -18.07 -0.71 2.38
CA SER A 212 -16.91 0.11 2.74
C SER A 212 -16.18 -0.54 3.88
N VAL A 213 -14.87 -0.82 3.70
CA VAL A 213 -14.03 -1.44 4.74
C VAL A 213 -12.70 -0.72 4.88
N ILE A 214 -12.09 -0.77 6.07
CA ILE A 214 -10.79 -0.14 6.33
C ILE A 214 -9.71 -1.25 6.44
N VAL A 215 -8.74 -1.21 5.53
CA VAL A 215 -7.61 -2.13 5.47
C VAL A 215 -6.45 -1.49 6.24
N PRO A 216 -5.80 -2.25 7.18
CA PRO A 216 -4.71 -1.66 7.99
C PRO A 216 -3.47 -1.31 7.16
N ARG A 217 -2.65 -0.39 7.68
CA ARG A 217 -1.40 0.09 7.06
C ARG A 217 -0.56 -1.04 6.44
N LYS A 218 -0.23 -2.08 7.24
CA LYS A 218 0.57 -3.21 6.79
C LYS A 218 -0.16 -4.02 5.75
N GLY A 219 -1.49 -4.07 5.85
CA GLY A 219 -2.33 -4.77 4.88
C GLY A 219 -2.23 -4.16 3.50
N VAL A 220 -2.26 -2.81 3.43
CA VAL A 220 -2.12 -2.08 2.17
C VAL A 220 -0.72 -2.39 1.59
N ILE A 221 0.33 -2.36 2.44
CA ILE A 221 1.71 -2.71 2.02
C ILE A 221 1.80 -4.11 1.41
N GLU A 222 1.24 -5.12 2.08
CA GLU A 222 1.24 -6.47 1.55
C GLU A 222 0.43 -6.61 0.28
N LEU A 223 -0.73 -5.91 0.17
CA LEU A 223 -1.53 -5.96 -1.05
C LEU A 223 -0.70 -5.50 -2.24
N MET A 224 0.04 -4.39 -2.05
CA MET A 224 0.91 -3.81 -3.06
C MET A 224 2.05 -4.75 -3.45
N ARG A 225 2.64 -5.40 -2.43
CA ARG A 225 3.75 -6.36 -2.57
C ARG A 225 3.42 -7.56 -3.41
N MET A 226 2.17 -8.03 -3.36
CA MET A 226 1.76 -9.21 -4.11
C MET A 226 1.37 -8.93 -5.57
N LEU A 227 1.45 -7.65 -6.01
CA LEU A 227 1.11 -7.31 -7.38
C LEU A 227 2.40 -7.35 -8.20
N ASP A 228 2.66 -8.48 -8.85
CA ASP A 228 3.87 -8.75 -9.64
C ASP A 228 3.95 -8.02 -10.98
N GLY A 229 2.98 -7.16 -11.27
CA GLY A 229 2.95 -6.39 -12.52
C GLY A 229 2.67 -7.22 -13.77
N GLY A 230 2.14 -8.42 -13.59
CA GLY A 230 1.80 -9.33 -14.67
C GLY A 230 0.31 -9.34 -14.99
N ASP A 231 -0.12 -10.33 -15.79
CA ASP A 231 -1.52 -10.44 -16.22
C ASP A 231 -2.38 -11.39 -15.36
N ASN A 232 -1.82 -12.00 -14.28
CA ASN A 232 -2.60 -12.85 -13.38
C ASN A 232 -3.61 -11.91 -12.71
N PRO A 233 -4.92 -12.18 -12.78
CA PRO A 233 -5.86 -11.22 -12.19
C PRO A 233 -5.90 -11.35 -10.67
N LEU A 234 -6.40 -10.29 -10.02
CA LEU A 234 -6.55 -10.20 -8.58
C LEU A 234 -8.01 -10.49 -8.20
N ARG A 235 -8.24 -11.56 -7.43
CA ARG A 235 -9.59 -11.88 -6.97
C ARG A 235 -9.67 -11.41 -5.52
N VAL A 236 -10.66 -10.57 -5.18
CA VAL A 236 -10.83 -9.99 -3.84
C VAL A 236 -12.10 -10.56 -3.22
N GLN A 237 -12.04 -10.88 -1.93
CA GLN A 237 -13.17 -11.35 -1.15
C GLN A 237 -13.20 -10.52 0.09
N ILE A 238 -14.35 -9.92 0.38
CA ILE A 238 -14.50 -9.06 1.53
C ILE A 238 -15.54 -9.63 2.46
N GLY A 239 -15.18 -9.76 3.72
CA GLY A 239 -16.07 -10.22 4.77
C GLY A 239 -16.44 -9.05 5.65
N SER A 240 -17.09 -9.34 6.78
CA SER A 240 -17.46 -8.28 7.71
C SER A 240 -16.23 -7.75 8.46
N ASN A 241 -15.26 -8.63 8.76
CA ASN A 241 -14.05 -8.24 9.54
C ASN A 241 -12.74 -8.66 8.89
N ASN A 242 -12.77 -9.12 7.64
CA ASN A 242 -11.56 -9.60 6.98
C ASN A 242 -11.65 -9.35 5.49
N ILE A 243 -10.48 -9.30 4.82
CA ILE A 243 -10.36 -9.15 3.38
C ILE A 243 -9.36 -10.19 2.95
N ARG A 244 -9.49 -10.67 1.72
CA ARG A 244 -8.61 -11.68 1.17
C ARG A 244 -8.39 -11.35 -0.29
N ALA A 245 -7.15 -11.50 -0.73
CA ALA A 245 -6.74 -11.27 -2.09
C ALA A 245 -6.03 -12.51 -2.59
N HIS A 246 -6.42 -12.95 -3.81
CA HIS A 246 -5.84 -14.12 -4.46
C HIS A 246 -5.20 -13.66 -5.74
N VAL A 247 -3.90 -13.94 -5.92
CA VAL A 247 -3.14 -13.65 -7.14
C VAL A 247 -2.31 -14.91 -7.39
N GLY A 248 -2.53 -15.55 -8.54
CA GLY A 248 -1.84 -16.77 -8.92
C GLY A 248 -1.96 -17.80 -7.82
N ASP A 249 -0.82 -18.29 -7.31
CA ASP A 249 -0.78 -19.28 -6.22
C ASP A 249 -0.68 -18.66 -4.82
N PHE A 250 -0.96 -17.36 -4.71
CA PHE A 250 -0.86 -16.68 -3.41
C PHE A 250 -2.20 -16.25 -2.90
N ILE A 251 -2.35 -16.30 -1.58
CA ILE A 251 -3.58 -15.91 -0.92
C ILE A 251 -3.18 -15.08 0.29
N PHE A 252 -3.57 -13.81 0.29
CA PHE A 252 -3.33 -12.86 1.37
C PHE A 252 -4.65 -12.64 2.10
N THR A 253 -4.61 -12.64 3.44
CA THR A 253 -5.81 -12.41 4.26
C THR A 253 -5.41 -11.43 5.32
N SER A 254 -6.25 -10.42 5.60
CA SER A 254 -5.99 -9.45 6.63
C SER A 254 -7.25 -9.19 7.39
N LYS A 255 -7.08 -8.80 8.67
CA LYS A 255 -8.19 -8.36 9.49
C LYS A 255 -8.51 -6.94 9.01
N LEU A 256 -9.78 -6.52 9.18
CA LEU A 256 -10.17 -5.16 8.84
C LEU A 256 -10.08 -4.29 10.11
N VAL A 257 -10.06 -2.97 9.95
CA VAL A 257 -9.99 -2.04 11.06
C VAL A 257 -11.39 -1.58 11.42
N ASP A 258 -11.64 -1.38 12.74
CA ASP A 258 -12.91 -0.84 13.28
C ASP A 258 -12.92 0.67 13.13
N GLY A 259 -14.10 1.26 13.09
CA GLY A 259 -14.19 2.71 13.03
C GLY A 259 -15.04 3.22 11.90
N ARG A 260 -15.45 4.47 12.05
CA ARG A 260 -16.26 5.21 11.13
C ARG A 260 -15.28 6.08 10.37
N PHE A 261 -14.90 5.65 9.16
CA PHE A 261 -13.97 6.39 8.34
C PHE A 261 -14.62 7.70 7.87
N PRO A 262 -13.87 8.83 7.80
CA PRO A 262 -14.49 10.07 7.27
C PRO A 262 -15.06 9.85 5.86
N ASP A 263 -16.05 10.67 5.52
CA ASP A 263 -16.74 10.60 4.25
C ASP A 263 -16.15 11.61 3.31
N TYR A 264 -15.41 11.13 2.31
CA TYR A 264 -14.80 12.03 1.34
C TYR A 264 -15.79 12.99 0.69
N ARG A 265 -17.08 12.56 0.49
CA ARG A 265 -18.09 13.40 -0.16
C ARG A 265 -18.28 14.72 0.60
N ARG A 266 -18.13 14.69 1.92
CA ARG A 266 -18.31 15.86 2.77
C ARG A 266 -17.03 16.70 2.88
N VAL A 267 -15.87 16.09 2.58
CA VAL A 267 -14.56 16.77 2.65
C VAL A 267 -14.30 17.56 1.37
N LEU A 268 -14.78 17.07 0.20
CA LEU A 268 -14.60 17.80 -1.04
C LEU A 268 -15.16 19.24 -0.93
N PRO A 269 -14.40 20.28 -1.33
CA PRO A 269 -14.96 21.65 -1.28
C PRO A 269 -16.28 21.78 -2.05
N LYS A 270 -17.27 22.47 -1.45
CA LYS A 270 -18.63 22.67 -1.99
C LYS A 270 -18.65 23.42 -3.31
N ASN A 271 -18.08 24.65 -3.34
CA ASN A 271 -18.03 25.53 -4.50
C ASN A 271 -16.64 26.08 -4.73
N PRO A 272 -15.66 25.28 -5.18
CA PRO A 272 -14.31 25.82 -5.37
C PRO A 272 -14.20 26.54 -6.71
N ASP A 273 -14.87 27.72 -6.80
CA ASP A 273 -15.02 28.59 -7.98
C ASP A 273 -13.72 29.09 -8.66
N LYS A 274 -12.61 29.27 -7.90
CA LYS A 274 -11.34 29.77 -8.45
C LYS A 274 -10.49 28.63 -9.01
N HIS A 275 -10.46 28.47 -10.34
CA HIS A 275 -9.75 27.40 -11.02
C HIS A 275 -8.45 27.82 -11.64
N LEU A 276 -7.34 27.21 -11.18
CA LEU A 276 -5.98 27.46 -11.66
C LEU A 276 -5.51 26.21 -12.39
N GLU A 277 -4.91 26.38 -13.56
CA GLU A 277 -4.34 25.26 -14.27
C GLU A 277 -2.90 25.54 -14.58
N ALA A 278 -2.06 24.51 -14.52
CA ALA A 278 -0.63 24.63 -14.81
C ALA A 278 -0.06 23.32 -15.17
N GLY A 279 1.11 23.36 -15.85
CA GLY A 279 1.88 22.17 -16.15
C GLY A 279 2.24 21.56 -14.82
N CYS A 280 2.04 20.24 -14.67
CA CYS A 280 2.31 19.51 -13.44
C CYS A 280 3.79 19.54 -13.09
N ASP A 281 4.68 19.27 -14.06
CA ASP A 281 6.11 19.29 -13.79
C ASP A 281 6.60 20.68 -13.42
N LEU A 282 6.19 21.75 -14.15
CA LEU A 282 6.61 23.11 -13.81
C LEU A 282 6.12 23.52 -12.41
N LEU A 283 4.92 23.10 -12.03
CA LEU A 283 4.39 23.44 -10.73
C LEU A 283 5.18 22.72 -9.65
N LYS A 284 5.44 21.42 -9.85
CA LYS A 284 6.17 20.55 -8.93
C LYS A 284 7.59 21.05 -8.69
N GLN A 285 8.29 21.42 -9.76
CA GLN A 285 9.68 21.92 -9.66
C GLN A 285 9.77 23.26 -8.97
N ALA A 286 8.76 24.13 -9.16
CA ALA A 286 8.72 25.41 -8.49
C ALA A 286 8.45 25.24 -6.97
N PHE A 287 7.49 24.34 -6.59
CA PHE A 287 7.28 24.04 -5.16
C PHE A 287 8.52 23.33 -4.58
N ALA A 288 9.17 22.44 -5.38
CA ALA A 288 10.33 21.70 -4.86
C ALA A 288 11.50 22.69 -4.54
N ARG A 289 11.72 23.67 -5.40
CA ARG A 289 12.76 24.68 -5.12
C ARG A 289 12.38 25.54 -3.92
N ALA A 290 11.13 26.05 -3.88
CA ALA A 290 10.67 26.87 -2.74
C ALA A 290 10.81 26.14 -1.42
N ALA A 291 10.54 24.80 -1.39
CA ALA A 291 10.64 23.96 -0.21
C ALA A 291 12.03 24.00 0.43
N ILE A 292 13.08 24.17 -0.38
CA ILE A 292 14.46 24.27 0.14
C ILE A 292 14.57 25.32 1.25
N LEU A 293 13.93 26.48 1.06
CA LEU A 293 14.05 27.53 2.03
C LEU A 293 12.82 27.62 2.96
N SER A 294 12.03 26.55 3.10
CA SER A 294 10.88 26.57 4.01
C SER A 294 11.38 26.12 5.38
N ASN A 295 10.58 26.41 6.43
CA ASN A 295 10.89 25.98 7.79
C ASN A 295 10.95 24.42 7.77
N GLU A 296 12.00 23.85 8.34
CA GLU A 296 12.20 22.39 8.30
C GLU A 296 11.16 21.59 9.05
N LYS A 297 10.57 22.18 10.09
CA LYS A 297 9.51 21.49 10.82
C LYS A 297 8.13 21.77 10.20
N PHE A 298 7.80 23.04 9.97
CA PHE A 298 6.43 23.43 9.57
C PHE A 298 6.20 23.40 8.07
N ARG A 299 7.26 23.58 7.29
CA ARG A 299 7.22 23.45 5.81
C ARG A 299 6.24 24.37 5.11
N GLY A 300 5.95 25.51 5.72
CA GLY A 300 5.01 26.43 5.13
C GLY A 300 5.45 27.21 3.92
N VAL A 301 4.60 27.24 2.87
CA VAL A 301 4.79 28.09 1.70
C VAL A 301 3.57 28.99 1.58
N ARG A 302 3.74 30.19 1.04
CA ARG A 302 2.65 31.15 0.80
C ARG A 302 2.43 31.18 -0.73
N LEU A 303 1.17 31.03 -1.20
CA LEU A 303 0.81 31.13 -2.61
C LEU A 303 0.06 32.44 -2.77
N TYR A 304 0.36 33.18 -3.83
CA TYR A 304 -0.38 34.39 -4.19
C TYR A 304 -0.84 34.13 -5.61
N VAL A 305 -2.15 34.09 -5.80
CA VAL A 305 -2.74 33.83 -7.10
C VAL A 305 -3.30 35.14 -7.70
N SER A 306 -2.98 35.41 -8.97
CA SER A 306 -3.42 36.60 -9.70
C SER A 306 -3.57 36.21 -11.17
N GLU A 307 -4.08 37.14 -12.01
CA GLU A 307 -4.32 36.91 -13.44
C GLU A 307 -3.17 36.20 -14.12
N ASN A 308 -3.43 34.94 -14.51
CA ASN A 308 -2.51 34.04 -15.19
C ASN A 308 -1.16 33.89 -14.47
N GLN A 309 -1.17 34.03 -13.13
CA GLN A 309 0.09 33.98 -12.40
C GLN A 309 -0.01 33.37 -11.03
N LEU A 310 1.03 32.61 -10.66
CA LEU A 310 1.12 32.09 -9.32
C LEU A 310 2.50 32.49 -8.81
N LYS A 311 2.55 32.96 -7.58
CA LYS A 311 3.79 33.28 -6.90
C LYS A 311 3.86 32.42 -5.66
N ILE A 312 4.98 31.70 -5.47
CA ILE A 312 5.18 30.83 -4.31
C ILE A 312 6.33 31.44 -3.50
N THR A 313 6.11 31.66 -2.20
CA THR A 313 7.16 32.20 -1.31
C THR A 313 7.39 31.27 -0.14
N ALA A 314 8.67 31.07 0.23
CA ALA A 314 9.02 30.30 1.38
C ALA A 314 10.10 31.01 2.14
N ASN A 315 9.99 30.98 3.47
CA ASN A 315 11.06 31.50 4.32
C ASN A 315 11.25 30.64 5.56
N ASN A 316 12.44 30.74 6.16
CA ASN A 316 12.79 29.92 7.30
C ASN A 316 13.23 30.79 8.51
N PRO A 317 13.54 30.19 9.69
CA PRO A 317 13.92 31.01 10.85
C PRO A 317 15.16 31.90 10.65
N GLU A 318 16.11 31.47 9.77
N GLU A 318 16.07 31.47 9.76
CA GLU A 318 17.33 32.22 9.44
CA GLU A 318 17.31 32.20 9.44
C GLU A 318 17.01 33.44 8.56
C GLU A 318 17.04 33.34 8.46
N GLN A 319 15.74 33.61 8.19
CA GLN A 319 15.24 34.66 7.30
C GLN A 319 15.74 34.48 5.86
N GLU A 320 16.03 33.23 5.47
CA GLU A 320 16.39 32.98 4.06
C GLU A 320 15.08 33.00 3.29
N GLU A 321 15.08 33.19 1.95
CA GLU A 321 13.82 33.28 1.26
C GLU A 321 13.89 32.75 -0.14
N ALA A 322 12.87 32.04 -0.57
CA ALA A 322 12.72 31.54 -1.93
C ALA A 322 11.45 32.16 -2.46
N GLU A 323 11.46 32.55 -3.71
CA GLU A 323 10.31 33.08 -4.39
C GLU A 323 10.33 32.50 -5.77
N GLU A 324 9.18 31.99 -6.22
CA GLU A 324 9.02 31.45 -7.56
C GLU A 324 7.82 32.13 -8.17
N ILE A 325 7.89 32.46 -9.46
CA ILE A 325 6.75 33.06 -10.15
C ILE A 325 6.54 32.20 -11.38
N LEU A 326 5.28 31.80 -11.62
CA LEU A 326 4.92 30.95 -12.77
C LEU A 326 3.77 31.55 -13.52
N ASP A 327 3.75 31.31 -14.84
CA ASP A 327 2.62 31.64 -15.71
C ASP A 327 1.69 30.45 -15.57
N VAL A 328 0.45 30.72 -15.19
CA VAL A 328 -0.54 29.66 -15.00
C VAL A 328 -1.80 30.07 -15.77
N THR A 329 -2.81 29.21 -15.84
CA THR A 329 -4.07 29.62 -16.45
C THR A 329 -4.95 29.95 -15.27
N TYR A 330 -5.24 31.24 -15.08
CA TYR A 330 -6.08 31.72 -13.99
C TYR A 330 -6.72 33.05 -14.35
N SER A 331 -8.03 33.22 -14.05
CA SER A 331 -8.77 34.46 -14.36
C SER A 331 -9.63 35.03 -13.23
N GLY A 332 -9.80 34.29 -12.15
CA GLY A 332 -10.60 34.74 -11.01
C GLY A 332 -9.95 35.79 -10.12
N ALA A 333 -10.53 35.96 -8.92
CA ALA A 333 -10.13 36.92 -7.90
C ALA A 333 -8.74 36.64 -7.32
N GLU A 334 -8.03 37.69 -6.91
CA GLU A 334 -6.70 37.54 -6.30
C GLU A 334 -6.85 37.02 -4.90
N MET A 335 -5.93 36.12 -4.47
CA MET A 335 -5.95 35.62 -3.08
C MET A 335 -4.59 35.06 -2.65
N GLU A 336 -4.37 35.03 -1.35
CA GLU A 336 -3.18 34.46 -0.75
C GLU A 336 -3.57 33.29 0.16
N ILE A 337 -2.83 32.20 0.10
CA ILE A 337 -3.15 31.00 0.88
C ILE A 337 -1.85 30.27 1.25
N GLY A 338 -1.80 29.73 2.46
CA GLY A 338 -0.63 29.00 2.93
C GLY A 338 -0.83 27.50 2.94
N PHE A 339 0.21 26.77 2.56
CA PHE A 339 0.17 25.31 2.62
C PHE A 339 1.45 24.71 3.13
N ASN A 340 1.36 23.50 3.65
CA ASN A 340 2.51 22.70 3.95
C ASN A 340 2.97 22.23 2.53
N VAL A 341 4.18 22.62 2.11
CA VAL A 341 4.69 22.28 0.79
C VAL A 341 4.87 20.76 0.59
N SER A 342 5.16 19.98 1.65
CA SER A 342 5.28 18.49 1.51
C SER A 342 3.91 17.90 1.11
N TYR A 343 2.79 18.43 1.66
CA TYR A 343 1.45 17.91 1.27
C TYR A 343 1.17 18.19 -0.21
N VAL A 344 1.60 19.39 -0.70
CA VAL A 344 1.42 19.79 -2.08
C VAL A 344 2.28 18.92 -2.99
N LEU A 345 3.56 18.74 -2.63
CA LEU A 345 4.50 17.93 -3.40
C LEU A 345 4.05 16.50 -3.47
N ASP A 346 3.49 15.98 -2.37
CA ASP A 346 2.98 14.59 -2.35
C ASP A 346 1.89 14.38 -3.42
N VAL A 347 1.01 15.39 -3.57
CA VAL A 347 -0.13 15.32 -4.50
C VAL A 347 0.43 15.35 -5.93
N LEU A 348 1.29 16.33 -6.23
CA LEU A 348 1.88 16.50 -7.55
C LEU A 348 2.67 15.27 -7.96
N ASN A 349 3.41 14.67 -7.02
CA ASN A 349 4.16 13.43 -7.26
C ASN A 349 3.21 12.27 -7.50
N ALA A 350 2.05 12.24 -6.85
CA ALA A 350 1.10 11.15 -7.08
C ALA A 350 0.32 11.33 -8.39
N LEU A 351 0.16 12.58 -8.88
CA LEU A 351 -0.60 12.82 -10.10
C LEU A 351 0.15 12.36 -11.36
N LYS A 352 1.47 12.58 -11.42
CA LYS A 352 2.32 12.14 -12.55
C LYS A 352 1.62 12.42 -13.88
N CYS A 353 1.14 13.66 -14.03
CA CYS A 353 0.37 13.99 -15.22
C CYS A 353 0.91 15.19 -15.96
N GLU A 354 0.21 15.60 -17.02
CA GLU A 354 0.63 16.74 -17.83
C GLU A 354 0.21 18.04 -17.24
N ASN A 355 -1.07 18.18 -16.93
CA ASN A 355 -1.60 19.41 -16.37
C ASN A 355 -2.39 19.11 -15.14
N VAL A 356 -2.37 20.07 -14.24
CA VAL A 356 -3.05 19.99 -12.96
C VAL A 356 -4.03 21.15 -12.84
N ARG A 357 -5.15 20.88 -12.17
CA ARG A 357 -6.14 21.90 -11.85
C ARG A 357 -6.20 22.04 -10.34
N MET A 358 -6.10 23.28 -9.84
CA MET A 358 -6.27 23.59 -8.42
C MET A 358 -7.56 24.39 -8.29
N MET A 359 -8.44 23.90 -7.45
CA MET A 359 -9.74 24.51 -7.25
C MET A 359 -9.81 25.12 -5.87
N LEU A 360 -9.76 26.44 -5.83
CA LEU A 360 -9.74 27.24 -4.61
C LEU A 360 -11.06 27.92 -4.26
N THR A 361 -11.22 28.23 -2.97
CA THR A 361 -12.36 28.93 -2.39
C THR A 361 -11.87 30.23 -1.75
N ASP A 362 -11.19 30.11 -0.61
CA ASP A 362 -10.64 31.26 0.12
C ASP A 362 -9.40 30.85 0.92
N SER A 363 -8.77 31.82 1.60
CA SER A 363 -7.52 31.61 2.37
C SER A 363 -7.59 30.59 3.50
N VAL A 364 -8.81 30.40 4.07
CA VAL A 364 -9.00 29.49 5.22
C VAL A 364 -9.70 28.19 4.81
N SER A 365 -9.93 27.99 3.51
CA SER A 365 -10.58 26.76 3.02
C SER A 365 -9.64 25.85 2.27
N SER A 366 -9.98 24.57 2.21
CA SER A 366 -9.17 23.58 1.52
C SER A 366 -9.15 23.84 0.03
N VAL A 367 -8.16 23.25 -0.63
CA VAL A 367 -8.00 23.27 -2.08
C VAL A 367 -8.23 21.85 -2.55
N GLN A 368 -8.86 21.71 -3.72
CA GLN A 368 -9.04 20.40 -4.36
C GLN A 368 -8.09 20.45 -5.52
N ILE A 369 -7.31 19.38 -5.71
CA ILE A 369 -6.30 19.27 -6.75
C ILE A 369 -6.59 18.02 -7.51
N GLU A 370 -6.53 18.13 -8.86
CA GLU A 370 -6.81 17.03 -9.77
C GLU A 370 -5.99 17.13 -11.01
N ASP A 371 -5.82 16.02 -11.68
CA ASP A 371 -5.26 15.95 -13.04
C ASP A 371 -6.33 16.71 -13.86
N ALA A 372 -5.89 17.73 -14.64
CA ALA A 372 -6.81 18.54 -15.44
C ALA A 372 -7.57 17.71 -16.49
N ALA A 373 -7.02 16.56 -16.89
CA ALA A 373 -7.62 15.67 -17.89
C ALA A 373 -8.27 14.40 -17.30
N SER A 374 -8.42 14.32 -15.97
CA SER A 374 -9.04 13.12 -15.37
C SER A 374 -9.58 13.41 -13.99
N GLN A 375 -10.81 12.97 -13.74
CA GLN A 375 -11.48 13.13 -12.45
C GLN A 375 -11.45 11.83 -11.63
N SER A 376 -10.64 10.83 -12.11
CA SER A 376 -10.45 9.54 -11.45
C SER A 376 -9.97 9.72 -10.01
N ALA A 377 -9.03 10.66 -9.77
CA ALA A 377 -8.48 10.92 -8.42
C ALA A 377 -8.71 12.36 -8.02
N ALA A 378 -8.96 12.59 -6.73
CA ALA A 378 -9.12 13.95 -6.26
C ALA A 378 -8.36 14.06 -4.95
N TYR A 379 -7.72 15.21 -4.74
CA TYR A 379 -6.91 15.45 -3.55
C TYR A 379 -7.40 16.68 -2.86
N VAL A 380 -7.54 16.63 -1.54
CA VAL A 380 -8.02 17.78 -0.80
C VAL A 380 -6.99 18.10 0.23
N VAL A 381 -6.46 19.34 0.22
CA VAL A 381 -5.43 19.76 1.16
C VAL A 381 -5.93 20.96 1.94
N MET A 382 -5.91 20.85 3.27
CA MET A 382 -6.29 21.95 4.14
C MET A 382 -5.14 22.96 4.23
N PRO A 383 -5.40 24.28 4.16
CA PRO A 383 -4.31 25.26 4.28
C PRO A 383 -3.78 25.39 5.72
N MET A 384 -2.74 26.20 5.88
CA MET A 384 -2.07 26.50 7.15
C MET A 384 -2.37 27.96 7.40
N ARG A 385 -2.42 28.40 8.68
CA ARG A 385 -2.61 29.82 8.95
CA ARG A 385 -2.61 29.82 8.93
C ARG A 385 -1.30 30.56 8.68
N LEU A 386 -1.38 31.62 7.90
CA LEU A 386 -0.21 32.42 7.55
C LEU A 386 0.23 33.30 8.70
N GLN B 2 -1.35 24.42 10.94
CA GLN B 2 -2.06 23.50 10.07
C GLN B 2 -3.54 23.41 10.47
N LEU B 5 -9.26 19.25 8.37
CA LEU B 5 -10.31 19.04 7.36
C LEU B 5 -11.74 19.03 7.91
#